data_9KO8
#
_entry.id   9KO8
#
_cell.length_a   54.562
_cell.length_b   166.946
_cell.length_c   39.108
_cell.angle_alpha   90.00
_cell.angle_beta   90.00
_cell.angle_gamma   90.00
#
_symmetry.space_group_name_H-M   'P 21 21 2'
#
loop_
_entity.id
_entity.type
_entity.pdbx_description
1 polymer 'Kinesin-like protein KIF1C'
2 polymer 'Protein Hook homolog 3'
3 water water
#
loop_
_entity_poly.entity_id
_entity_poly.type
_entity_poly.pdbx_seq_one_letter_code
_entity_poly.pdbx_strand_id
1 'polypeptide(L)'
;GHMPSSGKRRAPRRVYQIPQRRRLQGKDPRWATMADLKMQAVKEICYEVALADFRHGRAEIEALAALKMRELCRTYGKPD
GPGDAWRAVARDVWDTVGE
;
A,B
2 'polypeptide(L)' GHMEKLHEANNELQKKRAIIEDLEPRFNNSSLKIEELQEALRKKEEEMKQMEERYKKYLEKAKSVIRTLDPKQNQ C,D
#
# COMPACT_ATOMS: atom_id res chain seq x y z
N ALA A 32 11.67 -27.83 30.96
CA ALA A 32 12.97 -27.56 30.34
C ALA A 32 13.35 -28.62 29.30
N THR A 33 12.36 -29.20 28.62
CA THR A 33 12.65 -30.03 27.46
C THR A 33 13.26 -29.17 26.35
N MET A 34 14.24 -29.74 25.65
CA MET A 34 14.80 -29.05 24.50
C MET A 34 13.74 -28.59 23.51
N ALA A 35 12.68 -29.37 23.29
CA ALA A 35 11.67 -29.00 22.30
C ALA A 35 11.08 -27.62 22.58
N ASP A 36 11.09 -27.18 23.85
CA ASP A 36 10.62 -25.84 24.18
C ASP A 36 11.72 -24.82 24.36
N LEU A 37 12.94 -25.24 24.70
CA LEU A 37 14.07 -24.34 24.56
C LEU A 37 14.20 -23.90 23.12
N LYS A 38 14.15 -24.87 22.20
CA LYS A 38 14.09 -24.56 20.79
C LYS A 38 12.91 -23.66 20.50
N MET A 39 11.69 -24.09 20.84
CA MET A 39 10.51 -23.27 20.61
C MET A 39 10.67 -21.85 21.15
N GLN A 40 11.35 -21.67 22.27
CA GLN A 40 11.53 -20.30 22.73
C GLN A 40 12.48 -19.54 21.81
N ALA A 41 13.62 -20.12 21.47
CA ALA A 41 14.51 -19.44 20.52
C ALA A 41 13.81 -19.16 19.21
N VAL A 42 12.92 -20.04 18.77
CA VAL A 42 12.21 -19.73 17.55
C VAL A 42 11.42 -18.43 17.74
N LYS A 43 10.53 -18.41 18.74
CA LYS A 43 9.78 -17.21 19.09
C LYS A 43 10.66 -15.98 19.31
N GLU A 44 11.78 -16.12 20.01
CA GLU A 44 12.57 -14.94 20.30
C GLU A 44 13.36 -14.45 19.10
N ILE A 45 13.54 -15.28 18.08
CA ILE A 45 14.15 -14.81 16.85
C ILE A 45 13.12 -14.10 15.97
N CYS A 46 11.99 -14.76 15.73
CA CYS A 46 10.92 -14.17 14.92
C CYS A 46 10.62 -12.73 15.35
N TYR A 47 10.24 -12.56 16.62
CA TYR A 47 10.04 -11.24 17.24
C TYR A 47 11.10 -10.24 16.79
N GLU A 48 12.38 -10.61 16.93
CA GLU A 48 13.48 -9.69 16.69
C GLU A 48 13.58 -9.28 15.22
N VAL A 49 13.43 -10.26 14.31
CA VAL A 49 13.49 -10.00 12.87
C VAL A 49 12.33 -9.11 12.41
N ALA A 50 11.14 -9.33 12.96
CA ALA A 50 10.02 -8.47 12.63
C ALA A 50 10.26 -7.05 13.08
N LEU A 51 10.65 -6.85 14.33
CA LEU A 51 10.86 -5.49 14.81
C LEU A 51 12.15 -4.88 14.26
N ALA A 52 12.90 -5.63 13.47
CA ALA A 52 13.94 -5.06 12.63
C ALA A 52 13.48 -4.95 11.18
N ASP A 53 12.18 -5.12 10.93
CA ASP A 53 11.55 -4.91 9.62
C ASP A 53 12.01 -5.97 8.62
N PHE A 54 12.04 -7.21 9.09
CA PHE A 54 12.47 -8.37 8.31
C PHE A 54 13.74 -8.08 7.52
N ARG A 55 14.63 -7.31 8.16
CA ARG A 55 15.95 -7.00 7.62
C ARG A 55 16.85 -8.23 7.52
N HIS A 56 16.63 -9.25 8.35
CA HIS A 56 17.56 -10.35 8.46
C HIS A 56 17.34 -11.40 7.38
N GLY A 57 18.44 -11.87 6.78
CA GLY A 57 18.47 -12.99 5.87
C GLY A 57 18.88 -14.28 6.58
N ARG A 58 18.98 -15.36 5.81
CA ARG A 58 19.14 -16.70 6.36
C ARG A 58 20.42 -16.85 7.22
N ALA A 59 21.58 -16.61 6.60
CA ALA A 59 22.83 -16.74 7.34
C ALA A 59 22.75 -15.97 8.63
N GLU A 60 22.21 -14.77 8.58
CA GLU A 60 21.97 -13.99 9.79
C GLU A 60 21.12 -14.78 10.78
N ILE A 61 20.05 -15.42 10.27
CA ILE A 61 19.13 -16.17 11.13
C ILE A 61 19.81 -17.42 11.69
N GLU A 62 20.58 -18.13 10.87
CA GLU A 62 21.27 -19.31 11.37
C GLU A 62 22.25 -18.94 12.47
N ALA A 63 22.96 -17.83 12.30
CA ALA A 63 23.84 -17.34 13.37
C ALA A 63 23.00 -16.94 14.58
N LEU A 64 21.93 -16.18 14.35
CA LEU A 64 21.11 -15.80 15.49
C LEU A 64 20.34 -16.98 16.07
N ALA A 65 20.40 -18.15 15.45
CA ALA A 65 19.78 -19.33 16.04
C ALA A 65 20.74 -20.03 17.00
N ALA A 66 21.97 -20.27 16.55
CA ALA A 66 23.00 -20.86 17.41
C ALA A 66 23.20 -20.04 18.68
N LEU A 67 23.51 -18.75 18.52
CA LEU A 67 23.73 -17.86 19.65
C LEU A 67 22.54 -17.88 20.61
N LYS A 68 21.34 -17.78 20.06
CA LYS A 68 20.15 -17.89 20.89
C LYS A 68 20.11 -19.24 21.58
N MET A 69 20.59 -20.29 20.90
CA MET A 69 20.56 -21.64 21.44
C MET A 69 21.67 -21.88 22.46
N ARG A 70 22.86 -21.29 22.26
CA ARG A 70 23.89 -21.51 23.26
C ARG A 70 23.67 -20.66 24.50
N GLU A 71 23.01 -19.50 24.35
CA GLU A 71 22.72 -18.71 25.54
C GLU A 71 21.54 -19.29 26.30
N LEU A 72 20.60 -19.94 25.61
CA LEU A 72 19.48 -20.58 26.32
C LEU A 72 19.93 -21.81 27.10
N CYS A 73 20.75 -22.66 26.50
CA CYS A 73 21.28 -23.80 27.23
C CYS A 73 22.06 -23.36 28.48
N ARG A 74 22.68 -22.17 28.43
CA ARG A 74 23.33 -21.59 29.60
C ARG A 74 22.35 -20.78 30.45
N THR A 75 21.05 -20.90 30.20
CA THR A 75 20.04 -20.41 31.15
C THR A 75 19.64 -21.52 32.11
N TYR A 76 19.06 -22.60 31.59
CA TYR A 76 18.51 -23.67 32.42
C TYR A 76 19.58 -24.71 32.77
N GLY A 83 23.61 -27.82 20.10
CA GLY A 83 24.52 -28.36 19.10
C GLY A 83 24.00 -28.28 17.66
N ASP A 84 23.28 -29.31 17.22
CA ASP A 84 22.45 -29.23 16.03
C ASP A 84 21.02 -28.75 16.34
N ALA A 85 20.81 -28.16 17.52
CA ALA A 85 19.48 -27.65 17.86
C ALA A 85 19.13 -26.43 17.01
N TRP A 86 20.12 -25.60 16.69
CA TRP A 86 19.83 -24.39 15.94
C TRP A 86 19.38 -24.69 14.52
N ARG A 87 19.77 -25.84 13.95
CA ARG A 87 19.36 -26.14 12.58
C ARG A 87 17.84 -26.22 12.45
N ALA A 88 17.19 -26.82 13.45
CA ALA A 88 15.76 -26.98 13.41
C ALA A 88 15.05 -25.75 13.90
N VAL A 89 15.75 -24.95 14.70
CA VAL A 89 15.27 -23.63 15.08
C VAL A 89 15.29 -22.68 13.88
N ALA A 90 16.48 -22.47 13.30
CA ALA A 90 16.59 -21.56 12.16
C ALA A 90 15.74 -22.02 10.99
N ARG A 91 15.54 -23.32 10.81
CA ARG A 91 14.65 -23.72 9.74
C ARG A 91 13.23 -23.30 10.05
N ASP A 92 12.80 -23.54 11.27
CA ASP A 92 11.47 -23.10 11.65
C ASP A 92 11.34 -21.58 11.56
N VAL A 93 12.45 -20.86 11.71
CA VAL A 93 12.37 -19.41 11.58
C VAL A 93 12.17 -19.01 10.12
N TRP A 94 13.00 -19.55 9.22
CA TRP A 94 12.86 -19.21 7.81
C TRP A 94 11.49 -19.62 7.26
N ASP A 95 11.04 -20.82 7.60
CA ASP A 95 9.75 -21.34 7.18
C ASP A 95 8.57 -20.51 7.71
N THR A 96 8.81 -19.43 8.45
CA THR A 96 7.77 -18.49 8.82
C THR A 96 8.08 -17.00 8.54
N VAL A 97 9.34 -16.60 8.38
CA VAL A 97 9.61 -15.28 7.80
C VAL A 97 10.10 -15.43 6.36
N GLY A 98 9.15 -15.64 5.44
CA GLY A 98 9.43 -15.63 4.02
C GLY A 98 10.60 -16.48 3.56
N ALA B 32 -2.82 -16.45 39.84
CA ALA B 32 -3.38 -15.82 38.64
C ALA B 32 -4.29 -14.67 39.02
N THR B 33 -3.68 -13.55 39.44
CA THR B 33 -4.40 -12.37 39.89
C THR B 33 -5.14 -11.69 38.73
N MET B 34 -5.68 -10.50 39.02
CA MET B 34 -6.52 -9.83 38.05
C MET B 34 -5.67 -9.24 36.91
N ALA B 35 -4.56 -8.57 37.26
CA ALA B 35 -3.59 -8.14 36.27
C ALA B 35 -3.19 -9.27 35.33
N ASP B 36 -3.04 -10.49 35.85
CA ASP B 36 -2.81 -11.63 34.98
C ASP B 36 -3.95 -11.85 34.00
N LEU B 37 -5.20 -11.72 34.45
CA LEU B 37 -6.34 -11.95 33.57
C LEU B 37 -6.47 -10.83 32.54
N LYS B 38 -6.39 -9.56 33.00
CA LYS B 38 -6.38 -8.42 32.07
C LYS B 38 -5.26 -8.56 31.03
N MET B 39 -4.01 -8.68 31.49
CA MET B 39 -2.87 -8.66 30.58
C MET B 39 -2.94 -9.81 29.58
N GLN B 40 -3.51 -10.96 29.99
CA GLN B 40 -3.78 -12.02 29.02
C GLN B 40 -4.89 -11.59 28.06
N ALA B 41 -5.95 -11.00 28.60
CA ALA B 41 -7.06 -10.56 27.76
C ALA B 41 -6.58 -9.63 26.64
N VAL B 42 -5.73 -8.66 26.99
CA VAL B 42 -5.22 -7.72 26.00
C VAL B 42 -4.37 -8.44 24.97
N LYS B 43 -3.44 -9.30 25.43
CA LYS B 43 -2.59 -10.03 24.50
C LYS B 43 -3.40 -10.88 23.53
N GLU B 44 -4.54 -11.43 23.98
CA GLU B 44 -5.34 -12.29 23.14
C GLU B 44 -6.38 -11.56 22.33
N ILE B 45 -6.72 -10.33 22.70
CA ILE B 45 -7.58 -9.55 21.84
C ILE B 45 -6.76 -8.80 20.79
N CYS B 46 -5.54 -8.38 21.17
CA CYS B 46 -4.59 -7.85 20.22
C CYS B 46 -4.21 -8.86 19.14
N TYR B 47 -4.44 -10.15 19.37
CA TYR B 47 -4.19 -11.21 18.40
C TYR B 47 -5.42 -11.45 17.51
N GLU B 48 -6.61 -11.58 18.11
CA GLU B 48 -7.84 -11.64 17.32
C GLU B 48 -8.01 -10.38 16.46
N VAL B 49 -7.75 -9.20 17.04
CA VAL B 49 -7.81 -7.96 16.28
C VAL B 49 -6.78 -7.95 15.15
N ALA B 50 -5.66 -8.64 15.31
CA ALA B 50 -4.62 -8.58 14.29
C ALA B 50 -4.87 -9.56 13.17
N LEU B 51 -5.16 -10.82 13.49
CA LEU B 51 -5.32 -11.79 12.41
C LEU B 51 -6.60 -11.52 11.61
N ALA B 52 -7.62 -10.91 12.22
CA ALA B 52 -8.77 -10.39 11.51
C ALA B 52 -8.46 -9.12 10.69
N ASP B 53 -7.17 -8.89 10.37
CA ASP B 53 -6.75 -7.83 9.47
C ASP B 53 -7.09 -6.43 9.99
N PHE B 54 -7.17 -6.26 11.30
CA PHE B 54 -7.56 -4.98 11.93
C PHE B 54 -8.88 -4.44 11.39
N ARG B 55 -9.90 -5.33 11.36
CA ARG B 55 -11.29 -5.02 11.04
C ARG B 55 -12.08 -4.52 12.25
N HIS B 56 -11.49 -4.59 13.45
CA HIS B 56 -12.20 -4.30 14.68
C HIS B 56 -12.00 -2.86 15.10
N GLY B 57 -13.12 -2.19 15.40
CA GLY B 57 -13.14 -0.86 15.96
C GLY B 57 -13.51 -0.87 17.44
N ARG B 58 -13.60 0.33 18.00
CA ARG B 58 -13.64 0.54 19.44
C ARG B 58 -14.79 -0.21 20.13
N ALA B 59 -16.03 0.09 19.76
CA ALA B 59 -17.14 -0.63 20.40
C ALA B 59 -17.07 -2.12 20.12
N GLU B 60 -16.64 -2.50 18.90
CA GLU B 60 -16.38 -3.91 18.62
C GLU B 60 -15.35 -4.47 19.58
N ILE B 61 -14.37 -3.65 19.95
CA ILE B 61 -13.29 -4.03 20.88
C ILE B 61 -13.71 -3.89 22.34
N GLU B 62 -14.47 -2.84 22.69
CA GLU B 62 -14.94 -2.73 24.09
C GLU B 62 -15.71 -3.97 24.52
N ALA B 63 -16.36 -4.65 23.60
CA ALA B 63 -17.22 -5.79 23.91
C ALA B 63 -16.52 -7.14 23.83
N LEU B 64 -15.32 -7.20 23.22
CA LEU B 64 -14.54 -8.43 23.22
C LEU B 64 -13.84 -8.62 24.55
N ALA B 65 -13.59 -7.51 25.27
CA ALA B 65 -12.88 -7.54 26.55
C ALA B 65 -13.80 -7.96 27.69
N ALA B 66 -15.07 -7.54 27.67
CA ALA B 66 -16.01 -8.12 28.63
C ALA B 66 -16.19 -9.61 28.37
N LEU B 67 -16.29 -10.02 27.10
CA LEU B 67 -16.21 -11.45 26.81
C LEU B 67 -14.97 -12.05 27.46
N LYS B 68 -13.78 -11.55 27.10
CA LYS B 68 -12.55 -12.16 27.57
C LYS B 68 -12.45 -12.13 29.10
N MET B 69 -12.67 -10.96 29.71
CA MET B 69 -12.56 -10.87 31.16
C MET B 69 -13.50 -11.84 31.85
N ARG B 70 -14.80 -11.75 31.52
CA ARG B 70 -15.77 -12.66 32.09
C ARG B 70 -15.32 -14.11 31.98
N GLU B 71 -14.94 -14.55 30.78
CA GLU B 71 -14.56 -15.96 30.57
C GLU B 71 -13.22 -16.30 31.22
N LEU B 72 -12.48 -15.31 31.72
CA LEU B 72 -11.29 -15.59 32.53
C LEU B 72 -11.62 -15.71 34.02
N CYS B 73 -12.58 -14.94 34.53
CA CYS B 73 -13.05 -15.18 35.89
C CYS B 73 -13.97 -16.39 36.00
N ARG B 74 -14.32 -17.02 34.88
CA ARG B 74 -15.08 -18.27 34.88
C ARG B 74 -14.18 -19.49 34.72
N THR B 75 -13.03 -19.32 34.08
CA THR B 75 -12.01 -20.35 34.02
C THR B 75 -11.06 -20.32 35.19
N TYR B 76 -10.89 -19.16 35.82
CA TYR B 76 -9.94 -18.95 36.93
C TYR B 76 -10.65 -18.44 38.20
N GLY B 83 -14.50 -7.14 37.01
CA GLY B 83 -15.81 -6.49 37.05
C GLY B 83 -15.94 -5.35 36.06
N ASP B 84 -15.20 -4.28 36.35
CA ASP B 84 -14.94 -3.20 35.39
C ASP B 84 -13.60 -3.34 34.70
N ALA B 85 -12.92 -4.48 34.84
CA ALA B 85 -11.58 -4.62 34.28
C ALA B 85 -11.61 -4.44 32.76
N TRP B 86 -12.71 -4.85 32.13
CA TRP B 86 -12.81 -4.79 30.69
C TRP B 86 -12.54 -3.37 30.18
N ARG B 87 -12.94 -2.35 30.95
CA ARG B 87 -12.76 -0.96 30.51
C ARG B 87 -11.28 -0.63 30.32
N ALA B 88 -10.42 -1.07 31.24
CA ALA B 88 -9.00 -0.76 31.13
C ALA B 88 -8.34 -1.64 30.08
N VAL B 89 -8.87 -2.86 29.89
CA VAL B 89 -8.37 -3.79 28.88
C VAL B 89 -8.59 -3.22 27.47
N ALA B 90 -9.81 -2.74 27.21
CA ALA B 90 -10.10 -2.18 25.88
C ALA B 90 -9.26 -0.95 25.62
N ARG B 91 -9.04 -0.13 26.65
CA ARG B 91 -8.20 1.05 26.51
C ARG B 91 -6.75 0.66 26.22
N ASP B 92 -6.25 -0.37 26.88
CA ASP B 92 -4.91 -0.88 26.54
C ASP B 92 -4.87 -1.43 25.13
N VAL B 93 -5.90 -2.17 24.72
CA VAL B 93 -5.98 -2.70 23.36
C VAL B 93 -6.01 -1.55 22.34
N TRP B 94 -7.02 -0.69 22.46
CA TRP B 94 -7.18 0.36 21.47
C TRP B 94 -5.90 1.18 21.34
N ASP B 95 -5.32 1.60 22.46
CA ASP B 95 -4.04 2.31 22.50
C ASP B 95 -3.07 1.75 21.47
N THR B 96 -3.04 0.43 21.38
CA THR B 96 -2.10 -0.32 20.55
C THR B 96 -2.61 -0.58 19.14
N VAL B 97 -3.93 -0.60 18.92
CA VAL B 97 -4.49 -0.91 17.61
C VAL B 97 -5.34 0.21 17.04
N GLY B 98 -5.37 1.37 17.69
CA GLY B 98 -6.24 2.44 17.25
C GLY B 98 -5.55 3.79 17.32
N MET C 3 -13.13 41.15 -59.57
CA MET C 3 -11.82 41.78 -59.44
C MET C 3 -11.70 42.51 -58.11
N GLU C 4 -12.83 42.97 -57.57
CA GLU C 4 -12.82 43.30 -56.14
C GLU C 4 -12.82 42.03 -55.32
N LYS C 5 -13.66 41.06 -55.74
CA LYS C 5 -13.68 39.70 -55.23
C LYS C 5 -12.28 39.12 -55.27
N LEU C 6 -11.50 39.47 -56.30
CA LEU C 6 -10.16 38.90 -56.45
C LEU C 6 -9.26 39.27 -55.27
N HIS C 7 -9.21 40.56 -54.91
CA HIS C 7 -8.40 40.91 -53.75
C HIS C 7 -9.10 40.60 -52.43
N GLU C 8 -10.43 40.66 -52.42
CA GLU C 8 -11.19 40.12 -51.29
C GLU C 8 -10.85 38.64 -51.08
N ALA C 9 -10.91 37.84 -52.15
CA ALA C 9 -10.63 36.40 -52.04
C ALA C 9 -9.19 36.11 -51.69
N ASN C 10 -8.22 36.87 -52.23
CA ASN C 10 -6.85 36.72 -51.74
C ASN C 10 -6.71 37.07 -50.28
N ASN C 11 -7.40 38.11 -49.81
CA ASN C 11 -7.30 38.42 -48.39
C ASN C 11 -7.86 37.27 -47.54
N GLU C 12 -9.06 36.79 -47.86
CA GLU C 12 -9.61 35.65 -47.14
C GLU C 12 -8.74 34.42 -47.29
N LEU C 13 -8.14 34.23 -48.46
CA LEU C 13 -7.24 33.10 -48.66
C LEU C 13 -6.13 33.08 -47.62
N GLN C 14 -5.46 34.22 -47.43
CA GLN C 14 -4.26 34.24 -46.61
C GLN C 14 -4.60 34.27 -45.14
N LYS C 15 -5.82 34.68 -44.82
CA LYS C 15 -6.31 34.61 -43.45
C LYS C 15 -6.58 33.16 -43.07
N LYS C 16 -7.21 32.41 -43.98
CA LYS C 16 -7.55 31.03 -43.71
C LYS C 16 -6.33 30.10 -43.70
N ARG C 17 -5.26 30.43 -44.40
CA ARG C 17 -4.09 29.58 -44.23
C ARG C 17 -3.26 29.97 -43.01
N ALA C 18 -3.39 31.21 -42.51
CA ALA C 18 -2.77 31.53 -41.24
C ALA C 18 -3.39 30.68 -40.13
N ILE C 19 -4.64 30.26 -40.33
CA ILE C 19 -5.32 29.43 -39.33
C ILE C 19 -4.80 28.00 -39.38
N ILE C 20 -4.82 27.39 -40.56
CA ILE C 20 -4.30 26.04 -40.73
C ILE C 20 -2.79 25.97 -40.59
N GLU C 21 -2.09 27.10 -40.61
CA GLU C 21 -0.68 27.11 -40.24
C GLU C 21 -0.49 27.36 -38.75
N ASP C 22 -1.56 27.74 -38.06
CA ASP C 22 -1.60 27.78 -36.61
C ASP C 22 -2.05 26.45 -36.02
N LEU C 23 -3.07 25.82 -36.58
CA LEU C 23 -3.69 24.63 -36.00
C LEU C 23 -2.84 23.36 -36.12
N GLU C 24 -2.22 23.11 -37.27
CA GLU C 24 -1.42 21.91 -37.43
C GLU C 24 -0.36 21.69 -36.34
N PRO C 25 0.41 22.70 -35.90
CA PRO C 25 1.39 22.41 -34.84
C PRO C 25 0.77 22.45 -33.45
N ARG C 26 -0.32 23.19 -33.30
CA ARG C 26 -1.03 23.20 -32.03
C ARG C 26 -1.62 21.83 -31.74
N PHE C 27 -2.19 21.19 -32.76
CA PHE C 27 -2.69 19.83 -32.61
C PHE C 27 -1.54 18.83 -32.49
N ASN C 28 -0.54 18.95 -33.34
CA ASN C 28 0.58 18.02 -33.33
C ASN C 28 1.22 17.94 -31.96
N ASN C 29 1.35 19.08 -31.29
CA ASN C 29 2.02 19.10 -29.99
C ASN C 29 1.13 18.47 -28.91
N SER C 30 -0.17 18.74 -28.98
CA SER C 30 -1.10 18.09 -28.05
C SER C 30 -1.10 16.58 -28.25
N SER C 31 -1.13 16.11 -29.50
CA SER C 31 -1.03 14.68 -29.78
C SER C 31 0.20 14.06 -29.13
N LEU C 32 1.22 14.88 -28.86
CA LEU C 32 2.28 14.47 -27.95
C LEU C 32 1.83 14.52 -26.50
N LYS C 33 1.13 15.58 -26.09
CA LYS C 33 0.75 15.69 -24.69
C LYS C 33 -0.16 14.54 -24.27
N ILE C 34 -1.20 14.24 -25.05
CA ILE C 34 -2.12 13.16 -24.67
C ILE C 34 -1.35 11.86 -24.49
N GLU C 35 -0.53 11.49 -25.48
CA GLU C 35 0.26 10.27 -25.35
C GLU C 35 1.29 10.38 -24.23
N GLU C 36 1.85 11.57 -24.03
CA GLU C 36 2.71 11.78 -22.87
C GLU C 36 1.95 11.49 -21.59
N LEU C 37 0.80 12.15 -21.42
CA LEU C 37 -0.03 11.91 -20.25
C LEU C 37 -0.48 10.46 -20.17
N GLN C 38 -0.66 9.80 -21.31
CA GLN C 38 -1.16 8.44 -21.26
C GLN C 38 -0.09 7.48 -20.75
N GLU C 39 1.19 7.74 -21.04
CA GLU C 39 2.23 6.83 -20.56
C GLU C 39 2.55 7.03 -19.10
N ALA C 40 2.37 8.24 -18.58
CA ALA C 40 2.59 8.42 -17.16
C ALA C 40 1.54 7.69 -16.34
N LEU C 41 0.31 7.60 -16.83
CA LEU C 41 -0.73 6.81 -16.18
C LEU C 41 -0.30 5.36 -16.02
N ARG C 42 0.08 4.74 -17.14
CA ARG C 42 0.58 3.37 -17.08
C ARG C 42 1.76 3.27 -16.13
N LYS C 43 2.64 4.25 -16.17
CA LYS C 43 3.83 4.17 -15.34
C LYS C 43 3.46 4.38 -13.87
N LYS C 44 2.42 5.17 -13.62
CA LYS C 44 1.94 5.40 -12.25
C LYS C 44 1.20 4.16 -11.73
N GLU C 45 0.38 3.53 -12.57
CA GLU C 45 -0.26 2.29 -12.18
C GLU C 45 0.75 1.20 -11.89
N GLU C 46 1.95 1.27 -12.47
CA GLU C 46 2.97 0.29 -12.08
C GLU C 46 3.60 0.66 -10.74
N GLU C 47 3.65 1.95 -10.41
CA GLU C 47 4.17 2.32 -9.09
C GLU C 47 3.31 1.74 -7.98
N MET C 48 2.00 1.69 -8.20
CA MET C 48 1.10 1.16 -7.19
C MET C 48 1.28 -0.32 -7.02
N LYS C 49 1.34 -1.03 -8.15
CA LYS C 49 1.58 -2.47 -8.08
C LYS C 49 2.80 -2.75 -7.20
N GLN C 50 3.96 -2.26 -7.62
CA GLN C 50 5.20 -2.53 -6.91
C GLN C 50 5.12 -2.14 -5.43
N MET C 51 4.45 -1.03 -5.11
CA MET C 51 4.41 -0.58 -3.73
C MET C 51 3.40 -1.37 -2.93
N GLU C 52 2.21 -1.56 -3.49
CA GLU C 52 1.22 -2.39 -2.83
C GLU C 52 1.76 -3.79 -2.67
N GLU C 53 2.45 -4.30 -3.69
CA GLU C 53 3.04 -5.61 -3.57
C GLU C 53 4.22 -5.63 -2.61
N ARG C 54 4.84 -4.48 -2.36
CA ARG C 54 5.92 -4.45 -1.37
C ARG C 54 5.37 -4.52 0.04
N TYR C 55 4.28 -3.80 0.32
CA TYR C 55 3.69 -3.87 1.66
C TYR C 55 2.90 -5.15 1.90
N LYS C 56 2.30 -5.75 0.87
CA LYS C 56 1.63 -7.04 1.10
C LYS C 56 2.62 -8.09 1.60
N LYS C 57 3.84 -8.03 1.08
CA LYS C 57 4.90 -8.98 1.43
C LYS C 57 5.22 -8.94 2.92
N TYR C 58 5.59 -7.77 3.43
CA TYR C 58 5.98 -7.70 4.85
C TYR C 58 4.80 -7.77 5.79
N LEU C 59 3.57 -7.53 5.35
CA LEU C 59 2.45 -7.72 6.27
C LEU C 59 1.95 -9.14 6.30
N GLU C 60 2.42 -10.04 5.42
CA GLU C 60 2.26 -11.45 5.71
C GLU C 60 3.29 -11.89 6.72
N LYS C 61 4.55 -11.54 6.47
CA LYS C 61 5.60 -11.85 7.42
C LYS C 61 5.24 -11.36 8.82
N ALA C 62 4.72 -10.13 8.91
CA ALA C 62 4.21 -9.64 10.19
C ALA C 62 3.11 -10.55 10.71
N LYS C 63 2.10 -10.85 9.88
CA LYS C 63 1.03 -11.74 10.32
C LYS C 63 1.57 -13.12 10.68
N SER C 64 2.56 -13.57 9.92
CA SER C 64 3.20 -14.82 10.27
C SER C 64 3.86 -14.71 11.63
N VAL C 65 4.60 -13.63 11.88
CA VAL C 65 5.25 -13.49 13.17
C VAL C 65 4.21 -13.36 14.26
N ILE C 66 3.10 -12.72 13.95
CA ILE C 66 2.07 -12.62 14.97
C ILE C 66 1.48 -14.00 15.28
N ARG C 67 1.27 -14.82 14.23
CA ARG C 67 0.75 -16.18 14.42
C ARG C 67 1.72 -17.07 15.17
N THR C 68 3.02 -16.84 15.07
CA THR C 68 3.92 -17.67 15.86
C THR C 68 3.86 -17.33 17.36
N LEU C 69 3.81 -16.06 17.76
CA LEU C 69 3.63 -15.71 19.17
C LEU C 69 2.18 -15.74 19.62
N ASP C 70 1.37 -16.66 19.14
CA ASP C 70 0.05 -16.90 19.67
C ASP C 70 0.10 -16.89 21.18
N PRO C 71 -0.66 -16.00 21.88
CA PRO C 71 -0.60 -15.91 23.32
C PRO C 71 -1.35 -16.99 24.09
N LYS C 72 -2.02 -17.93 23.43
CA LYS C 72 -2.71 -19.01 24.13
C LYS C 72 -1.80 -20.19 24.43
N GLN C 73 -0.67 -20.31 23.71
CA GLN C 73 0.51 -21.14 24.03
C GLN C 73 0.29 -22.29 25.04
N MET D 3 -11.10 36.37 -63.67
CA MET D 3 -11.91 35.29 -63.11
C MET D 3 -11.25 33.93 -63.18
N GLU D 4 -10.38 33.77 -64.16
CA GLU D 4 -9.47 32.63 -64.14
C GLU D 4 -8.86 32.52 -62.74
N LYS D 5 -8.35 33.64 -62.25
CA LYS D 5 -7.68 33.69 -60.95
C LYS D 5 -8.68 33.58 -59.80
N LEU D 6 -9.94 33.97 -60.03
CA LEU D 6 -10.98 33.98 -59.01
C LEU D 6 -11.57 32.58 -58.80
N HIS D 7 -11.98 31.92 -59.89
CA HIS D 7 -12.33 30.51 -59.79
C HIS D 7 -11.23 29.73 -59.09
N GLU D 8 -9.96 30.11 -59.31
CA GLU D 8 -8.79 29.48 -58.72
C GLU D 8 -8.70 29.70 -57.21
N ALA D 9 -8.55 30.95 -56.79
CA ALA D 9 -8.51 31.23 -55.37
C ALA D 9 -9.74 30.68 -54.69
N ASN D 10 -10.90 30.79 -55.32
CA ASN D 10 -12.10 30.25 -54.70
C ASN D 10 -12.06 28.73 -54.62
N ASN D 11 -11.37 28.06 -55.55
CA ASN D 11 -11.22 26.62 -55.46
C ASN D 11 -10.30 26.27 -54.31
N GLU D 12 -9.23 27.04 -54.14
CA GLU D 12 -8.39 26.90 -52.96
C GLU D 12 -9.12 27.28 -51.68
N LEU D 13 -10.04 28.23 -51.74
CA LEU D 13 -10.76 28.64 -50.54
C LEU D 13 -11.70 27.54 -50.05
N GLN D 14 -12.37 26.85 -50.99
CA GLN D 14 -13.26 25.77 -50.60
C GLN D 14 -12.48 24.67 -49.92
N LYS D 15 -11.25 24.44 -50.39
CA LYS D 15 -10.43 23.34 -49.91
C LYS D 15 -9.86 23.62 -48.53
N LYS D 16 -9.69 24.90 -48.17
CA LYS D 16 -9.04 25.20 -46.90
C LYS D 16 -10.00 25.32 -45.73
N ARG D 17 -11.28 25.56 -45.94
CA ARG D 17 -12.22 25.51 -44.82
C ARG D 17 -12.83 24.12 -44.65
N ALA D 18 -12.71 23.25 -45.65
CA ALA D 18 -12.95 21.83 -45.39
C ALA D 18 -11.82 21.20 -44.57
N ILE D 19 -10.70 21.91 -44.39
CA ILE D 19 -9.57 21.42 -43.59
C ILE D 19 -9.70 21.86 -42.13
N ILE D 20 -9.97 23.15 -41.94
CA ILE D 20 -10.30 23.68 -40.63
C ILE D 20 -11.47 22.90 -40.03
N GLU D 21 -12.59 22.84 -40.75
CA GLU D 21 -13.74 22.07 -40.26
C GLU D 21 -13.39 20.63 -39.93
N ASP D 22 -12.29 20.09 -40.45
CA ASP D 22 -11.80 18.79 -40.03
C ASP D 22 -10.92 18.87 -38.79
N LEU D 23 -10.13 19.95 -38.63
CA LEU D 23 -9.12 20.04 -37.58
C LEU D 23 -9.64 20.64 -36.30
N GLU D 24 -10.46 21.69 -36.42
CA GLU D 24 -10.92 22.36 -35.22
C GLU D 24 -11.61 21.41 -34.23
N PRO D 25 -12.41 20.41 -34.65
CA PRO D 25 -12.86 19.40 -33.67
C PRO D 25 -11.77 18.44 -33.26
N ARG D 26 -10.95 18.00 -34.23
CA ARG D 26 -9.84 17.10 -33.89
C ARG D 26 -8.86 17.72 -32.91
N PHE D 27 -8.93 19.03 -32.71
CA PHE D 27 -8.14 19.71 -31.71
C PHE D 27 -8.95 20.11 -30.50
N ASN D 28 -10.21 20.45 -30.69
CA ASN D 28 -11.05 20.85 -29.57
C ASN D 28 -11.23 19.70 -28.59
N ASN D 29 -11.69 18.54 -29.08
CA ASN D 29 -11.80 17.37 -28.23
C ASN D 29 -10.45 16.93 -27.67
N SER D 30 -9.34 17.45 -28.21
CA SER D 30 -8.03 17.11 -27.68
C SER D 30 -7.61 18.03 -26.53
N SER D 31 -7.99 19.31 -26.55
CA SER D 31 -7.87 20.08 -25.30
C SER D 31 -8.60 19.37 -24.18
N LEU D 32 -9.69 18.68 -24.53
CA LEU D 32 -10.50 17.95 -23.57
C LEU D 32 -9.72 16.78 -22.99
N LYS D 33 -9.15 15.94 -23.86
CA LYS D 33 -8.39 14.77 -23.44
C LYS D 33 -7.23 15.15 -22.52
N ILE D 34 -6.55 16.24 -22.84
CA ILE D 34 -5.52 16.78 -21.95
C ILE D 34 -6.07 16.91 -20.53
N GLU D 35 -7.25 17.49 -20.37
CA GLU D 35 -7.83 17.70 -19.05
C GLU D 35 -8.54 16.48 -18.47
N GLU D 36 -8.85 15.44 -19.25
CA GLU D 36 -9.29 14.19 -18.65
C GLU D 36 -8.12 13.36 -18.13
N LEU D 37 -7.01 13.38 -18.85
CA LEU D 37 -5.82 12.67 -18.40
C LEU D 37 -5.18 13.36 -17.21
N GLN D 38 -5.21 14.69 -17.16
CA GLN D 38 -4.66 15.39 -16.02
C GLN D 38 -5.47 15.13 -14.75
N GLU D 39 -6.81 15.11 -14.88
CA GLU D 39 -7.66 14.76 -13.74
C GLU D 39 -7.40 13.35 -13.27
N ALA D 40 -7.29 12.39 -14.20
CA ALA D 40 -7.05 11.00 -13.82
C ALA D 40 -5.68 10.83 -13.18
N LEU D 41 -4.70 11.55 -13.69
CA LEU D 41 -3.36 11.52 -13.11
C LEU D 41 -3.38 12.03 -11.67
N ARG D 42 -4.11 13.12 -11.40
CA ARG D 42 -4.15 13.63 -10.02
C ARG D 42 -4.92 12.68 -9.11
N LYS D 43 -6.02 12.09 -9.61
CA LYS D 43 -6.76 11.12 -8.81
C LYS D 43 -5.89 9.92 -8.45
N LYS D 44 -5.18 9.38 -9.44
CA LYS D 44 -4.29 8.25 -9.18
C LYS D 44 -3.16 8.65 -8.23
N GLU D 45 -2.57 9.81 -8.46
CA GLU D 45 -1.54 10.28 -7.54
C GLU D 45 -2.09 10.41 -6.12
N GLU D 46 -3.40 10.63 -5.97
CA GLU D 46 -3.98 10.67 -4.62
C GLU D 46 -4.13 9.27 -4.04
N GLU D 47 -4.85 8.40 -4.77
CA GLU D 47 -5.13 7.04 -4.31
C GLU D 47 -3.87 6.25 -3.99
N MET D 48 -2.73 6.62 -4.55
CA MET D 48 -1.50 5.99 -4.08
C MET D 48 -1.01 6.66 -2.81
N LYS D 49 -1.06 7.99 -2.75
CA LYS D 49 -0.70 8.65 -1.51
C LYS D 49 -1.42 8.01 -0.31
N GLN D 50 -2.71 7.72 -0.47
CA GLN D 50 -3.47 7.18 0.66
C GLN D 50 -3.28 5.68 0.82
N MET D 51 -3.31 4.93 -0.28
CA MET D 51 -2.97 3.52 -0.17
C MET D 51 -1.68 3.35 0.60
N GLU D 52 -0.64 4.12 0.27
CA GLU D 52 0.60 3.99 1.01
C GLU D 52 0.43 4.31 2.50
N GLU D 53 -0.22 5.44 2.81
CA GLU D 53 -0.40 5.81 4.21
C GLU D 53 -1.26 4.78 4.96
N ARG D 54 -2.21 4.15 4.25
CA ARG D 54 -2.97 3.03 4.81
C ARG D 54 -2.09 1.81 5.04
N TYR D 55 -1.09 1.58 4.19
CA TYR D 55 -0.20 0.44 4.37
C TYR D 55 0.85 0.69 5.43
N LYS D 56 1.31 1.94 5.57
CA LYS D 56 2.28 2.23 6.62
C LYS D 56 1.65 2.11 7.99
N LYS D 57 0.36 2.44 8.11
CA LYS D 57 -0.27 2.40 9.42
C LYS D 57 -0.53 0.98 9.89
N TYR D 58 -1.10 0.14 9.05
CA TYR D 58 -1.27 -1.26 9.44
C TYR D 58 0.07 -1.90 9.82
N LEU D 59 1.15 -1.47 9.15
CA LEU D 59 2.50 -1.90 9.51
C LEU D 59 2.87 -1.53 10.94
N GLU D 60 2.52 -0.31 11.38
CA GLU D 60 2.82 0.05 12.76
C GLU D 60 1.87 -0.64 13.72
N LYS D 61 0.63 -0.88 13.28
CA LYS D 61 -0.33 -1.60 14.10
C LYS D 61 0.06 -3.07 14.25
N ALA D 62 0.81 -3.59 13.29
CA ALA D 62 1.35 -4.93 13.39
C ALA D 62 2.48 -4.97 14.40
N LYS D 63 3.44 -4.05 14.29
CA LYS D 63 4.58 -4.08 15.20
C LYS D 63 4.14 -3.86 16.64
N SER D 64 3.08 -3.09 16.84
CA SER D 64 2.63 -2.83 18.19
C SER D 64 2.02 -4.10 18.80
N VAL D 65 1.19 -4.78 18.02
CA VAL D 65 0.68 -6.07 18.45
C VAL D 65 1.83 -7.04 18.58
N ILE D 66 2.86 -6.92 17.74
CA ILE D 66 4.05 -7.73 17.91
C ILE D 66 4.73 -7.38 19.23
N ARG D 67 4.82 -6.07 19.52
CA ARG D 67 5.55 -5.63 20.71
C ARG D 67 4.86 -6.11 21.98
N THR D 68 3.53 -6.09 22.00
CA THR D 68 2.80 -6.67 23.13
C THR D 68 3.07 -8.15 23.27
N LEU D 69 3.10 -8.88 22.16
CA LEU D 69 3.31 -10.32 22.19
C LEU D 69 4.76 -10.71 22.37
N ASP D 70 5.59 -9.80 22.86
CA ASP D 70 6.93 -10.16 23.30
C ASP D 70 6.90 -11.49 24.04
N PRO D 71 7.67 -12.46 23.57
CA PRO D 71 7.75 -13.75 24.28
C PRO D 71 8.58 -13.68 25.56
N LYS D 72 9.59 -12.82 25.58
CA LYS D 72 10.44 -12.73 26.77
C LYS D 72 9.63 -12.27 27.98
N GLN D 73 8.61 -11.45 27.76
CA GLN D 73 7.77 -10.97 28.86
C GLN D 73 6.83 -12.07 29.35
#